data_9VNM
#
_entry.id   9VNM
#
_entity_poly.entity_id   1
_entity_poly.type   'polypeptide(L)'
_entity_poly.pdbx_seq_one_letter_code
;G(SFE)GGNDN(SFE)G
;
_entity_poly.pdbx_strand_id   G,A,B,C,D,E,F,H,I,J,Q,K,L,M,N,O,P,R,S,T,g,U,W,Y,a,c,e,i,k,m,0,o,q,s,u,w,y,2,4,6,h,V,X,Z,b,d,f,j,l,n,1,p,r,t,v,x,z,3,5,7
#
# COMPACT_ATOMS: atom_id res chain seq x y z
N GLY A 1 -4.84 -5.78 3.79
CA GLY A 1 -4.49 -6.42 2.51
C GLY A 1 -5.51 -6.16 1.41
N GLY A 3 -5.83 -4.40 -1.48
CA GLY A 3 -4.68 -3.81 -2.18
C GLY A 3 -3.45 -3.85 -1.28
N GLY A 4 -3.31 -4.94 -0.53
CA GLY A 4 -2.23 -5.18 0.46
C GLY A 4 -0.75 -4.90 0.18
N ASN A 5 -0.17 -4.04 1.02
CA ASN A 5 1.26 -3.64 0.93
C ASN A 5 1.98 -3.63 2.29
N ASP A 6 1.42 -4.27 3.32
CA ASP A 6 2.06 -4.38 4.66
C ASP A 6 3.47 -4.91 4.41
N ASN A 7 4.48 -4.06 4.59
CA ASN A 7 5.89 -4.42 4.26
C ASN A 7 6.84 -3.36 4.85
N GLY A 9 10.34 -1.73 3.95
CA GLY A 9 10.54 -1.85 2.50
C GLY A 9 11.18 -0.50 2.22
N GLY B 1 9.49 -0.80 16.25
CA GLY B 1 10.61 -1.73 16.01
C GLY B 1 11.93 -0.98 15.90
N GLY B 3 15.59 -1.76 16.01
CA GLY B 3 16.14 -2.19 17.30
C GLY B 3 15.81 -3.65 17.40
N GLY B 4 15.06 -4.02 18.45
CA GLY B 4 14.58 -5.39 18.71
C GLY B 4 13.39 -5.37 19.65
N ASN B 5 12.81 -6.54 19.92
CA ASN B 5 11.67 -6.74 20.87
C ASN B 5 10.32 -6.14 20.47
N ASP B 6 9.75 -6.57 19.34
CA ASP B 6 8.42 -6.05 18.90
C ASP B 6 7.36 -7.16 18.96
N ASN B 7 6.09 -6.77 19.10
CA ASN B 7 4.93 -7.71 19.14
C ASN B 7 3.76 -7.11 18.37
N GLY B 9 0.19 -6.82 17.64
CA GLY B 9 -0.15 -7.63 18.82
C GLY B 9 -1.48 -8.21 18.34
N GLY C 1 -2.20 -8.19 7.67
CA GLY C 1 -1.92 -6.97 8.45
C GLY C 1 -0.82 -7.48 9.35
N GLY C 3 0.06 -8.88 12.57
CA GLY C 3 -1.22 -9.56 12.85
C GLY C 3 -2.19 -8.80 13.74
N GLY C 4 -3.48 -9.14 13.62
CA GLY C 4 -4.58 -8.53 14.40
C GLY C 4 -5.93 -9.01 13.90
N ASN C 5 -6.96 -8.14 13.98
CA ASN C 5 -8.35 -8.39 13.51
C ASN C 5 -8.93 -9.78 13.84
N ASP C 6 -9.08 -10.11 15.12
CA ASP C 6 -9.64 -11.42 15.53
C ASP C 6 -10.97 -11.23 16.27
N ASN C 7 -12.06 -11.85 15.77
CA ASN C 7 -13.42 -11.64 16.33
C ASN C 7 -14.17 -12.96 16.56
N GLY C 9 -18.07 -14.30 15.21
CA GLY C 9 -18.58 -13.62 14.01
C GLY C 9 -17.47 -13.33 13.01
N GLY D 1 -5.71 -10.84 19.53
CA GLY D 1 -4.65 -10.60 20.53
C GLY D 1 -5.24 -10.36 21.91
N GLY D 3 -6.51 -11.87 26.39
CA GLY D 3 -6.01 -12.83 27.40
C GLY D 3 -5.80 -11.95 28.62
N GLY D 4 -5.85 -12.55 29.81
CA GLY D 4 -5.58 -11.85 31.08
C GLY D 4 -4.09 -11.62 31.19
N ASN D 5 -3.64 -10.39 31.00
CA ASN D 5 -2.18 -10.11 30.97
C ASN D 5 -1.91 -9.82 32.45
N ASP D 6 -1.62 -10.87 33.22
CA ASP D 6 -1.27 -10.77 34.66
C ASP D 6 0.22 -11.10 34.65
N ASN D 7 1.06 -10.07 34.56
CA ASN D 7 2.52 -10.25 34.38
C ASN D 7 3.18 -9.09 35.14
N GLY D 9 6.19 -6.27 36.18
CA GLY D 9 7.00 -5.81 35.03
C GLY D 9 8.29 -6.59 34.90
N GLY E 1 12.97 -8.74 42.93
CA GLY E 1 12.51 -8.12 41.67
C GLY E 1 12.61 -9.08 40.49
N GLY E 3 12.95 -8.81 36.33
CA GLY E 3 13.43 -7.60 35.62
C GLY E 3 13.54 -7.87 34.13
N GLY E 4 12.48 -8.46 33.57
CA GLY E 4 12.46 -8.81 32.13
C GLY E 4 12.03 -7.63 31.26
N ASN E 5 12.04 -7.87 29.94
CA ASN E 5 11.57 -6.91 28.89
C ASN E 5 10.28 -7.63 28.51
N ASP E 6 9.14 -7.19 29.05
CA ASP E 6 7.80 -7.82 28.81
C ASP E 6 7.12 -6.87 27.81
N ASN E 7 6.93 -7.32 26.57
CA ASN E 7 6.48 -6.43 25.47
C ASN E 7 5.30 -7.04 24.68
N GLY E 9 -0.09 -8.37 23.88
CA GLY E 9 -1.54 -8.59 24.00
C GLY E 9 -1.75 -10.04 23.62
N GLY F 1 -21.96 -14.78 10.60
CA GLY F 1 -22.93 -13.67 10.42
C GLY F 1 -23.86 -13.93 9.25
N GLY F 3 -26.16 -13.54 5.76
CA GLY F 3 -25.50 -12.76 4.69
C GLY F 3 -24.01 -12.71 4.97
N GLY F 4 -23.37 -13.89 5.04
CA GLY F 4 -21.93 -13.99 5.32
C GLY F 4 -21.18 -13.20 4.25
N ASN F 5 -20.34 -12.26 4.69
CA ASN F 5 -19.51 -11.38 3.83
C ASN F 5 -18.23 -10.78 4.40
N ASP F 6 -17.70 -11.36 5.48
CA ASP F 6 -16.51 -10.78 6.16
C ASP F 6 -15.22 -11.49 5.74
N ASN F 7 -14.25 -10.69 5.29
CA ASN F 7 -12.89 -11.12 4.89
C ASN F 7 -11.93 -10.16 5.60
N GLY F 9 -7.17 -8.59 6.56
CA GLY F 9 -6.03 -8.60 5.62
C GLY F 9 -4.97 -7.62 6.08
N GLY G 1 -31.01 -15.57 21.77
CA GLY G 1 -31.22 -16.73 20.88
C GLY G 1 -30.47 -16.57 19.56
N GLY G 3 -28.31 -14.95 16.18
CA GLY G 3 -27.22 -14.02 16.57
C GLY G 3 -26.20 -14.73 17.44
N GLY G 4 -25.43 -13.95 18.20
CA GLY G 4 -24.36 -14.51 19.03
C GLY G 4 -24.09 -13.57 20.18
N ASN G 5 -23.92 -14.13 21.37
CA ASN G 5 -23.71 -13.24 22.55
C ASN G 5 -22.34 -13.70 23.08
N ASP G 6 -21.32 -12.84 22.94
CA ASP G 6 -19.94 -13.18 23.37
C ASP G 6 -19.45 -12.15 24.39
N ASN G 7 -18.89 -12.70 25.45
CA ASN G 7 -18.22 -12.03 26.58
C ASN G 7 -17.09 -12.97 26.99
N GLY G 9 -14.64 -13.29 29.65
CA GLY G 9 -14.93 -13.52 31.08
C GLY G 9 -16.03 -14.53 31.27
N GLY H 1 -7.82 -7.87 35.65
CA GLY H 1 -8.59 -7.98 34.40
C GLY H 1 -9.28 -9.33 34.28
N GLY H 3 -13.04 -12.78 33.07
CA GLY H 3 -14.06 -13.81 33.30
C GLY H 3 -14.57 -14.28 34.64
N GLY H 4 -15.76 -13.80 35.04
CA GLY H 4 -16.42 -14.17 36.30
C GLY H 4 -17.38 -15.31 36.05
N ASN H 5 -18.23 -15.61 37.05
CA ASN H 5 -19.28 -16.65 36.92
C ASN H 5 -20.33 -16.07 35.97
N ASP H 6 -20.51 -16.69 34.81
CA ASP H 6 -21.42 -16.13 33.77
C ASP H 6 -22.03 -17.32 33.02
N ASN H 7 -23.30 -17.21 32.65
CA ASN H 7 -23.97 -18.34 31.95
C ASN H 7 -25.06 -17.64 31.14
N GLY H 9 -28.89 -17.52 27.22
CA GLY H 9 -29.87 -17.87 26.18
C GLY H 9 -29.68 -17.00 24.93
N GLY I 1 -33.72 -17.84 24.97
CA GLY I 1 -33.22 -18.26 26.29
C GLY I 1 -33.96 -17.59 27.42
N GLY I 3 -36.10 -18.91 30.24
CA GLY I 3 -37.45 -19.44 29.97
C GLY I 3 -38.02 -18.75 28.73
N GLY I 4 -37.24 -18.70 27.66
CA GLY I 4 -37.67 -18.07 26.40
C GLY I 4 -38.09 -19.12 25.37
N ASN I 5 -38.66 -18.64 24.27
CA ASN I 5 -39.13 -19.40 23.08
C ASN I 5 -38.91 -18.35 22.00
N ASP I 6 -37.89 -18.57 21.16
CA ASP I 6 -37.56 -17.65 20.03
C ASP I 6 -37.93 -18.32 18.72
N ASN I 7 -39.12 -18.04 18.19
CA ASN I 7 -39.54 -18.78 16.97
C ASN I 7 -40.33 -17.86 16.02
N GLY I 9 -42.99 -19.04 13.60
CA GLY I 9 -44.21 -19.86 13.46
C GLY I 9 -45.50 -19.07 13.36
N GLY J 1 -44.68 -17.96 8.80
CA GLY J 1 -46.09 -18.32 8.57
C GLY J 1 -46.77 -17.35 7.62
N GLY J 3 -47.75 -15.63 4.24
CA GLY J 3 -46.57 -15.72 3.35
C GLY J 3 -45.25 -15.91 4.07
N GLY J 4 -44.44 -16.90 3.64
CA GLY J 4 -43.18 -17.23 4.33
C GLY J 4 -42.14 -16.36 3.63
N ASN J 5 -41.58 -15.38 4.34
CA ASN J 5 -40.50 -14.45 3.89
C ASN J 5 -39.99 -13.90 5.23
N ASP J 6 -39.21 -14.71 5.94
CA ASP J 6 -38.95 -14.42 7.38
C ASP J 6 -37.57 -15.06 7.59
N ASN J 7 -36.51 -14.35 7.23
CA ASN J 7 -35.13 -14.89 7.38
C ASN J 7 -34.24 -13.74 7.88
N GLY J 9 -30.24 -11.71 7.07
CA GLY J 9 -29.87 -11.70 5.64
C GLY J 9 -30.74 -12.52 4.71
N GLY K 1 30.27 5.69 -28.59
CA GLY K 1 31.04 5.12 -29.70
C GLY K 1 30.89 5.90 -31.00
N GLY K 3 32.66 7.95 -33.05
CA GLY K 3 34.13 8.11 -32.94
C GLY K 3 34.61 7.48 -31.65
N GLY K 4 34.01 6.35 -31.28
CA GLY K 4 34.29 5.59 -30.03
C GLY K 4 35.70 5.29 -29.53
N ASN K 5 35.97 5.75 -28.29
CA ASN K 5 37.27 5.56 -27.61
C ASN K 5 37.13 5.11 -26.14
N ASP K 6 35.95 4.64 -25.71
CA ASP K 6 35.72 4.13 -24.33
C ASP K 6 36.83 3.12 -24.07
N ASN K 7 37.79 3.47 -23.20
CA ASN K 7 38.99 2.62 -22.96
C ASN K 7 39.74 3.14 -21.72
N GLY K 9 43.48 3.34 -20.40
CA GLY K 9 44.37 3.31 -21.57
C GLY K 9 45.40 4.33 -21.12
N GLY L 1 36.54 3.12 -10.16
CA GLY L 1 37.31 1.86 -10.14
C GLY L 1 38.63 2.01 -9.42
N GLY L 3 41.28 -0.16 -7.92
CA GLY L 3 40.92 -0.92 -6.70
C GLY L 3 40.19 -2.13 -7.22
N GLY L 4 38.94 -2.29 -6.78
CA GLY L 4 38.02 -3.37 -7.20
C GLY L 4 36.57 -2.99 -6.94
N ASN L 5 35.64 -3.86 -7.32
CA ASN L 5 34.17 -3.69 -7.08
C ASN L 5 33.46 -2.57 -7.86
N ASP L 6 33.49 -2.59 -9.19
CA ASP L 6 32.80 -1.55 -10.00
C ASP L 6 31.61 -2.14 -10.76
N ASN L 7 30.62 -1.29 -11.11
CA ASN L 7 29.42 -1.70 -11.87
C ASN L 7 29.06 -0.59 -12.87
N GLY L 9 26.67 1.17 -15.00
CA GLY L 9 25.54 0.44 -14.41
C GLY L 9 24.57 0.50 -15.58
N GLY M 1 29.65 2.00 -24.86
CA GLY M 1 29.81 2.93 -23.72
C GLY M 1 30.06 1.91 -22.62
N GLY M 3 28.67 -0.07 -19.94
CA GLY M 3 27.30 -0.21 -20.49
C GLY M 3 26.27 0.76 -19.94
N GLY M 4 25.20 0.97 -20.73
CA GLY M 4 24.09 1.88 -20.38
C GLY M 4 23.14 2.04 -21.56
N ASN M 5 22.52 3.22 -21.68
CA ASN M 5 21.58 3.61 -22.78
C ASN M 5 20.56 2.54 -23.18
N ASP M 6 19.66 2.16 -22.27
CA ASP M 6 18.63 1.13 -22.58
C ASP M 6 17.22 1.74 -22.50
N ASN M 7 16.45 1.68 -23.60
CA ASN M 7 15.11 2.35 -23.67
C ASN M 7 14.01 1.41 -24.21
N GLY M 9 11.23 1.90 -27.51
CA GLY M 9 11.66 2.85 -28.55
C GLY M 9 13.15 2.79 -28.80
N GLY N 1 19.82 -0.36 -17.28
CA GLY N 1 20.19 -0.68 -15.89
C GLY N 1 19.06 -0.38 -14.91
N GLY N 3 15.25 -1.77 -12.17
CA GLY N 3 14.84 -2.94 -11.39
C GLY N 3 14.62 -2.36 -10.01
N GLY N 4 13.78 -3.04 -9.21
CA GLY N 4 13.51 -2.64 -7.82
C GLY N 4 14.71 -3.05 -6.99
N ASN N 5 15.53 -2.09 -6.56
CA ASN N 5 16.78 -2.41 -5.86
C ASN N 5 16.30 -2.42 -4.40
N ASP N 6 15.82 -3.58 -3.94
CA ASP N 6 15.38 -3.79 -2.54
C ASP N 6 16.48 -4.69 -1.98
N ASN N 7 17.49 -4.07 -1.36
CA ASN N 7 18.70 -4.79 -0.91
C ASN N 7 19.15 -4.08 0.37
N GLY N 9 21.80 -2.83 3.46
CA GLY N 9 23.19 -2.59 2.99
C GLY N 9 24.08 -3.80 3.22
N GLY O 1 22.95 -8.55 11.42
CA GLY O 1 23.43 -7.66 10.35
C GLY O 1 23.87 -8.42 9.12
N GLY O 3 26.42 -7.84 5.85
CA GLY O 3 27.52 -6.86 5.84
C GLY O 3 28.31 -6.97 4.56
N GLY O 4 27.61 -7.02 3.42
CA GLY O 4 28.25 -7.16 2.11
C GLY O 4 28.69 -5.83 1.53
N ASN O 5 29.34 -5.90 0.35
CA ASN O 5 29.78 -4.72 -0.44
C ASN O 5 28.76 -4.83 -1.57
N ASP O 6 27.68 -4.02 -1.49
CA ASP O 6 26.56 -4.04 -2.49
C ASP O 6 26.80 -2.78 -3.34
N ASN O 7 27.19 -2.99 -4.61
CA ASN O 7 27.67 -1.87 -5.47
C ASN O 7 26.97 -1.87 -6.84
N GLY O 9 22.71 -0.84 -10.34
CA GLY O 9 21.42 -0.48 -10.96
C GLY O 9 21.04 -1.67 -11.81
N GLY P 1 10.42 3.54 -33.28
CA GLY P 1 10.05 4.94 -33.53
C GLY P 1 9.86 5.21 -35.02
N GLY P 3 9.98 6.87 -38.86
CA GLY P 3 11.29 7.45 -39.24
C GLY P 3 12.36 6.87 -38.31
N GLY P 4 12.49 5.53 -38.32
CA GLY P 4 13.48 4.84 -37.47
C GLY P 4 14.86 5.39 -37.79
N ASN P 5 15.57 5.85 -36.76
CA ASN P 5 16.93 6.43 -36.84
C ASN P 5 17.83 6.40 -35.61
N ASP P 6 17.51 5.54 -34.64
CA ASP P 6 18.27 5.53 -33.36
C ASP P 6 19.32 4.41 -33.34
N ASN P 7 20.56 4.80 -33.04
CA ASN P 7 21.74 3.92 -32.89
C ASN P 7 22.40 4.33 -31.58
N GLY P 9 26.15 3.75 -28.16
CA GLY P 9 27.55 3.39 -28.44
C GLY P 9 28.43 3.82 -27.27
N GLY Q 1 -2.95 5.12 -28.20
CA GLY Q 1 -2.97 4.26 -29.40
C GLY Q 1 -1.63 4.26 -30.11
N GLY Q 3 2.35 5.26 -31.49
CA GLY Q 3 3.28 5.63 -30.40
C GLY Q 3 3.44 4.49 -29.41
N GLY Q 4 3.86 4.81 -28.20
CA GLY Q 4 4.13 3.77 -27.19
C GLY Q 4 4.00 4.38 -25.81
N ASN Q 5 3.35 3.67 -24.91
CA ASN Q 5 3.14 4.26 -23.56
C ASN Q 5 3.82 3.24 -22.63
N ASP Q 6 4.96 3.63 -22.03
CA ASP Q 6 5.73 2.72 -21.16
C ASP Q 6 5.88 3.36 -19.77
N ASN Q 7 5.61 2.51 -18.78
CA ASN Q 7 5.74 2.72 -17.33
C ASN Q 7 6.16 1.37 -16.76
N GLY Q 9 6.63 -0.19 -13.53
CA GLY Q 9 5.57 -0.44 -12.53
C GLY Q 9 4.29 -0.97 -13.17
N GLY R 1 10.44 1.34 -3.77
CA GLY R 1 10.45 1.68 -5.21
C GLY R 1 9.58 0.76 -6.02
N GLY R 3 6.23 -0.76 -9.78
CA GLY R 3 5.00 -1.31 -10.36
C GLY R 3 3.75 -1.70 -9.59
N GLY R 4 2.73 -0.83 -9.65
CA GLY R 4 1.43 -1.05 -9.00
C GLY R 4 0.47 -1.68 -9.99
N ASN R 5 -0.82 -1.72 -9.62
CA ASN R 5 -1.89 -2.24 -10.51
C ASN R 5 -2.07 -1.18 -11.60
N ASP R 6 -1.78 -1.55 -12.85
CA ASP R 6 -1.80 -0.57 -13.97
C ASP R 6 -2.22 -1.31 -15.23
N ASN R 7 -3.01 -0.66 -16.09
CA ASN R 7 -3.49 -1.35 -17.31
C ASN R 7 -3.74 -0.18 -18.28
N GLY R 9 -4.69 1.90 -23.25
CA GLY R 9 -5.02 2.09 -24.68
C GLY R 9 -3.97 2.94 -25.38
N GLY S 1 -7.45 3.79 -27.41
CA GLY S 1 -7.87 3.04 -26.21
C GLY S 1 -8.86 3.83 -25.38
N GLY S 3 -12.45 3.15 -24.37
CA GLY S 3 -13.54 3.24 -25.36
C GLY S 3 -13.15 4.22 -26.45
N GLY S 4 -11.92 4.09 -26.99
CA GLY S 4 -11.44 4.97 -28.06
C GLY S 4 -11.52 4.30 -29.42
N ASN S 5 -11.25 5.09 -30.46
CA ASN S 5 -11.22 4.72 -31.90
C ASN S 5 -10.17 5.72 -32.40
N ASP S 6 -8.97 5.22 -32.72
CA ASP S 6 -7.85 6.04 -33.23
C ASP S 6 -7.65 5.72 -34.70
N ASN S 7 -8.24 6.51 -35.60
CA ASN S 7 -8.13 6.16 -37.04
C ASN S 7 -8.00 7.40 -37.93
N GLY S 9 -9.19 7.67 -41.50
CA GLY S 9 -10.31 7.43 -42.41
C GLY S 9 -11.07 8.67 -42.84
N GLY T 1 -7.69 9.87 -45.96
CA GLY T 1 -8.80 10.14 -46.90
C GLY T 1 -8.56 11.39 -47.71
N GLY T 3 -7.07 13.73 -50.49
CA GLY T 3 -5.69 13.29 -50.72
C GLY T 3 -5.07 12.50 -49.59
N GLY T 4 -4.47 11.34 -49.88
CA GLY T 4 -3.91 10.46 -48.83
C GLY T 4 -2.46 10.91 -48.69
N ASN T 5 -2.12 11.50 -47.55
CA ASN T 5 -0.76 11.97 -47.15
C ASN T 5 -0.91 12.11 -45.64
N ASP T 6 -0.88 10.98 -44.94
CA ASP T 6 -1.35 10.97 -43.53
C ASP T 6 -0.55 9.82 -42.91
N ASN T 7 0.70 10.09 -42.52
CA ASN T 7 1.57 9.04 -41.93
C ASN T 7 2.35 9.66 -40.78
N GLY T 9 6.55 10.02 -39.05
CA GLY T 9 7.61 10.04 -40.08
C GLY T 9 7.16 9.75 -41.50
N GLY U 1 -5.79 -1.25 5.09
CA GLY U 1 -5.43 -1.89 3.81
C GLY U 1 -6.42 -1.62 2.69
N GLY U 3 -6.66 0.13 -0.20
CA GLY U 3 -5.48 0.73 -0.88
C GLY U 3 -4.28 0.68 0.05
N GLY U 4 -4.17 -0.42 0.81
CA GLY U 4 -3.11 -0.65 1.81
C GLY U 4 -1.63 -0.38 1.56
N ASN U 5 -1.06 0.47 2.42
CA ASN U 5 0.38 0.86 2.36
C ASN U 5 1.07 0.86 3.74
N ASP U 6 0.48 0.22 4.76
CA ASP U 6 1.09 0.11 6.11
C ASP U 6 2.51 -0.43 5.89
N ASN U 7 3.51 0.42 6.09
CA ASN U 7 4.93 0.05 5.80
C ASN U 7 5.88 1.10 6.40
N GLY U 9 9.40 2.71 5.59
CA GLY U 9 9.63 2.60 4.13
C GLY U 9 10.28 3.95 3.88
N GLY V 1 8.28 3.63 17.88
CA GLY V 1 9.41 2.70 17.65
C GLY V 1 10.74 3.43 17.56
N GLY V 3 14.38 2.64 17.76
CA GLY V 3 14.91 2.20 19.06
C GLY V 3 14.56 0.74 19.14
N GLY V 4 13.80 0.36 20.18
CA GLY V 4 13.31 -1.00 20.43
C GLY V 4 12.09 -0.98 21.34
N ASN V 5 11.49 -2.14 21.60
CA ASN V 5 10.34 -2.34 22.53
C ASN V 5 9.00 -1.73 22.10
N ASP V 6 8.45 -2.15 20.95
CA ASP V 6 7.14 -1.62 20.48
C ASP V 6 6.07 -2.72 20.52
N ASN V 7 4.79 -2.33 20.62
CA ASN V 7 3.63 -3.27 20.64
C ASN V 7 2.48 -2.66 19.85
N GLY V 9 -1.07 -2.35 19.04
CA GLY V 9 -1.46 -3.16 20.22
C GLY V 9 -2.77 -3.73 19.70
N GLY W 1 -3.25 -3.69 9.02
CA GLY W 1 -2.98 -2.47 9.80
C GLY W 1 -1.90 -2.99 10.72
N GLY W 3 -1.11 -4.40 13.96
CA GLY W 3 -2.39 -5.07 14.22
C GLY W 3 -3.38 -4.31 15.09
N GLY W 4 -4.67 -4.64 14.94
CA GLY W 4 -5.78 -4.02 15.69
C GLY W 4 -7.13 -4.49 15.15
N ASN W 5 -8.15 -3.63 15.23
CA ASN W 5 -9.52 -3.86 14.73
C ASN W 5 -10.11 -5.25 15.03
N ASP W 6 -10.30 -5.57 16.32
CA ASP W 6 -10.88 -6.88 16.71
C ASP W 6 -12.23 -6.70 17.41
N ASN W 7 -13.31 -7.31 16.88
CA ASN W 7 -14.67 -7.09 17.42
C ASN W 7 -15.44 -8.41 17.63
N GLY W 9 -19.32 -9.73 16.19
CA GLY W 9 -19.80 -9.04 14.98
C GLY W 9 -18.67 -8.76 14.01
N GLY X 1 -7.04 -6.34 20.79
CA GLY X 1 -6.00 -6.11 21.82
C GLY X 1 -6.60 -5.87 23.18
N GLY X 3 -7.99 -7.37 27.63
CA GLY X 3 -7.52 -8.34 28.65
C GLY X 3 -7.33 -7.46 29.87
N GLY X 4 -7.41 -8.07 31.06
CA GLY X 4 -7.17 -7.37 32.34
C GLY X 4 -5.67 -7.16 32.49
N ASN X 5 -5.21 -5.92 32.31
CA ASN X 5 -3.75 -5.66 32.31
C ASN X 5 -3.51 -5.37 33.79
N ASP X 6 -3.25 -6.42 34.57
CA ASP X 6 -2.92 -6.32 36.01
C ASP X 6 -1.43 -6.67 36.03
N ASN X 7 -0.59 -5.64 35.97
CA ASN X 7 0.87 -5.81 35.83
C ASN X 7 1.52 -4.67 36.59
N GLY X 9 4.52 -1.86 37.71
CA GLY X 9 5.35 -1.41 36.58
C GLY X 9 6.65 -2.19 36.47
N GLY Y 1 11.14 -4.39 44.59
CA GLY Y 1 10.71 -3.75 43.33
C GLY Y 1 10.84 -4.71 42.15
N GLY Y 3 11.26 -4.44 38.00
CA GLY Y 3 11.77 -3.24 37.31
C GLY Y 3 11.90 -3.50 35.82
N GLY Y 4 10.86 -4.08 35.23
CA GLY Y 4 10.86 -4.42 33.79
C GLY Y 4 10.47 -3.25 32.92
N ASN Y 5 10.50 -3.48 31.60
CA ASN Y 5 10.06 -2.52 30.54
C ASN Y 5 8.77 -3.24 30.12
N ASP Y 6 7.62 -2.79 30.64
CA ASP Y 6 6.29 -3.41 30.37
C ASP Y 6 5.64 -2.45 29.37
N ASN Y 7 5.46 -2.90 28.12
CA ASN Y 7 5.05 -2.01 27.00
C ASN Y 7 3.88 -2.61 26.19
N GLY Y 9 -1.49 -3.90 25.28
CA GLY Y 9 -2.95 -4.11 25.36
C GLY Y 9 -3.16 -5.57 24.97
N GLY Z 1 -23.11 -10.17 11.50
CA GLY Z 1 -24.07 -9.06 11.30
C GLY Z 1 -24.97 -9.32 10.11
N GLY Z 3 -27.19 -8.91 6.57
CA GLY Z 3 -26.51 -8.13 5.52
C GLY Z 3 -25.02 -8.09 5.84
N GLY Z 4 -24.40 -9.27 5.91
CA GLY Z 4 -22.95 -9.38 6.22
C GLY Z 4 -22.18 -8.59 5.17
N ASN Z 5 -21.34 -7.66 5.64
CA ASN Z 5 -20.49 -6.78 4.80
C ASN Z 5 -19.21 -6.18 5.39
N ASP Z 6 -18.72 -6.77 6.48
CA ASP Z 6 -17.54 -6.19 7.19
C ASP Z 6 -16.25 -6.92 6.80
N ASN Z 7 -15.26 -6.11 6.37
CA ASN Z 7 -13.89 -6.54 6.00
C ASN Z 7 -12.95 -5.59 6.74
N GLY Z 9 -8.20 -4.05 7.80
CA GLY Z 9 -7.04 -4.08 6.88
C GLY Z 9 -5.98 -3.09 7.37
N GLY AA 1 -32.41 -10.94 22.47
CA GLY AA 1 -32.60 -12.10 21.57
C GLY AA 1 -31.82 -11.94 20.28
N GLY AA 3 -29.57 -10.32 16.94
CA GLY AA 3 -28.49 -9.40 17.35
C GLY AA 3 -27.48 -10.11 18.25
N GLY AA 4 -26.74 -9.33 19.02
CA GLY AA 4 -25.69 -9.90 19.88
C GLY AA 4 -25.44 -8.97 21.04
N ASN AA 5 -25.29 -9.54 22.23
CA ASN AA 5 -25.11 -8.65 23.41
C ASN AA 5 -23.75 -9.12 23.98
N ASP AA 6 -22.73 -8.27 23.86
CA ASP AA 6 -21.35 -8.61 24.32
C ASP AA 6 -20.88 -7.58 25.35
N ASN AA 7 -20.35 -8.14 26.42
CA ASN AA 7 -19.69 -7.48 27.57
C ASN AA 7 -18.58 -8.42 28.00
N GLY AA 9 -16.19 -8.76 30.71
CA GLY AA 9 -16.51 -8.99 32.13
C GLY AA 9 -17.63 -10.00 32.30
N GLY BA 1 -9.48 -3.39 36.87
CA GLY BA 1 -10.23 -3.49 35.60
C GLY BA 1 -10.92 -4.84 35.47
N GLY BA 3 -14.67 -8.27 34.16
CA GLY BA 3 -15.70 -9.30 34.37
C GLY BA 3 -16.25 -9.77 35.70
N GLY BA 4 -17.43 -9.27 36.07
CA GLY BA 4 -18.13 -9.64 37.32
C GLY BA 4 -19.09 -10.78 37.04
N ASN BA 5 -19.95 -11.07 38.02
CA ASN BA 5 -21.01 -12.11 37.87
C ASN BA 5 -22.03 -11.51 36.90
N ASP BA 6 -22.20 -12.14 35.73
CA ASP BA 6 -23.08 -11.58 34.68
C ASP BA 6 -23.68 -12.75 33.91
N ASN BA 7 -24.94 -12.63 33.51
CA ASN BA 7 -25.60 -13.77 32.80
C ASN BA 7 -26.67 -13.06 31.96
N GLY BA 9 -30.41 -12.90 27.96
CA GLY BA 9 -31.37 -13.24 26.89
C GLY BA 9 -31.16 -12.39 25.66
N GLY CA 1 -35.19 -13.19 25.61
CA GLY CA 1 -34.72 -13.63 26.93
C GLY CA 1 -35.48 -12.94 28.05
N GLY CA 3 -37.69 -14.27 30.83
CA GLY CA 3 -39.04 -14.79 30.52
C GLY CA 3 -39.57 -14.11 29.28
N GLY CA 4 -38.76 -14.05 28.21
CA GLY CA 4 -39.18 -13.42 26.94
C GLY CA 4 -39.57 -14.46 25.91
N ASN CA 5 -40.11 -13.97 24.79
CA ASN CA 5 -40.57 -14.73 23.60
C ASN CA 5 -40.33 -13.67 22.52
N ASP CA 6 -39.29 -13.89 21.70
CA ASP CA 6 -38.92 -12.98 20.59
C ASP CA 6 -39.27 -13.65 19.27
N ASN CA 7 -40.44 -13.36 18.71
CA ASN CA 7 -40.84 -14.09 17.48
C ASN CA 7 -41.60 -13.17 16.50
N GLY CA 9 -44.22 -14.32 14.03
CA GLY CA 9 -45.44 -15.14 13.86
C GLY CA 9 -46.72 -14.34 13.74
N GLY DA 1 -45.80 -13.23 9.21
CA GLY DA 1 -47.21 -13.58 8.94
C GLY DA 1 -47.85 -12.60 7.98
N GLY DA 3 -48.76 -10.88 4.57
CA GLY DA 3 -47.56 -10.97 3.71
C GLY DA 3 -46.26 -11.18 4.46
N GLY DA 4 -45.45 -12.16 4.04
CA GLY DA 4 -44.20 -12.49 4.76
C GLY DA 4 -43.13 -11.63 4.08
N ASN DA 5 -42.59 -10.66 4.81
CA ASN DA 5 -41.49 -9.73 4.40
C ASN DA 5 -41.02 -9.19 5.74
N ASP DA 6 -40.25 -10.01 6.46
CA ASP DA 6 -40.01 -9.72 7.91
C ASP DA 6 -38.65 -10.37 8.15
N ASN DA 7 -37.57 -9.66 7.82
CA ASN DA 7 -36.20 -10.21 8.00
C ASN DA 7 -35.31 -9.07 8.51
N GLY DA 9 -31.29 -7.05 7.80
CA GLY DA 9 -30.88 -7.04 6.37
C GLY DA 9 -31.74 -7.86 5.43
N GLY EA 1 30.08 10.10 -26.50
CA GLY EA 1 30.87 9.52 -27.59
C GLY EA 1 30.75 10.30 -28.89
N GLY EA 3 32.58 12.34 -30.90
CA GLY EA 3 34.03 12.50 -30.75
C GLY EA 3 34.49 11.87 -29.45
N GLY EA 4 33.88 10.74 -29.10
CA GLY EA 4 34.13 9.98 -27.86
C GLY EA 4 35.52 9.67 -27.32
N ASN EA 5 35.76 10.12 -26.07
CA ASN EA 5 37.05 9.91 -25.36
C ASN EA 5 36.88 9.48 -23.89
N ASP EA 6 35.68 9.01 -23.50
CA ASP EA 6 35.43 8.50 -22.13
C ASP EA 6 36.53 7.48 -21.84
N ASN EA 7 37.46 7.82 -20.95
CA ASN EA 7 38.65 6.97 -20.68
C ASN EA 7 39.37 7.48 -19.42
N GLY EA 9 43.09 7.65 -18.02
CA GLY EA 9 44.00 7.62 -19.18
C GLY EA 9 45.03 8.63 -18.69
N GLY FA 1 35.93 7.45 -7.94
CA GLY FA 1 36.69 6.19 -7.90
C GLY FA 1 38.00 6.34 -7.15
N GLY FA 3 40.60 4.15 -5.59
CA GLY FA 3 40.21 3.39 -4.40
C GLY FA 3 39.48 2.18 -4.94
N GLY FA 4 38.22 2.02 -4.53
CA GLY FA 4 37.31 0.95 -4.95
C GLY FA 4 35.86 1.34 -4.73
N ASN FA 5 34.92 0.48 -5.14
CA ASN FA 5 33.46 0.65 -4.93
C ASN FA 5 32.77 1.79 -5.71
N ASP FA 6 32.82 1.75 -7.05
CA ASP FA 6 32.17 2.81 -7.88
C ASP FA 6 30.98 2.22 -8.67
N ASN FA 7 30.01 3.08 -9.03
CA ASN FA 7 28.82 2.68 -9.81
C ASN FA 7 28.49 3.79 -10.82
N GLY FA 9 26.16 5.57 -12.99
CA GLY FA 9 25.01 4.84 -12.43
C GLY FA 9 24.07 4.90 -13.62
N GLY GA 1 29.36 6.41 -22.79
CA GLY GA 1 29.49 7.32 -21.65
C GLY GA 1 29.72 6.31 -20.53
N GLY GA 3 28.25 4.32 -17.90
CA GLY GA 3 26.89 4.19 -18.46
C GLY GA 3 25.85 5.16 -17.95
N GLY GA 4 24.81 5.39 -18.75
CA GLY GA 4 23.69 6.30 -18.43
C GLY GA 4 22.77 6.46 -19.63
N ASN GA 5 22.16 7.65 -19.77
CA ASN GA 5 21.25 8.05 -20.88
C ASN GA 5 20.23 6.98 -21.31
N ASP GA 6 19.31 6.60 -20.42
CA ASP GA 6 18.27 5.59 -20.75
C ASP GA 6 16.87 6.21 -20.71
N ASN GA 7 16.12 6.14 -21.82
CA ASN GA 7 14.79 6.82 -21.92
C ASN GA 7 13.71 5.89 -22.49
N GLY GA 9 11.00 6.39 -25.84
CA GLY GA 9 11.45 7.36 -26.87
C GLY GA 9 12.95 7.28 -27.09
N GLY HA 1 19.34 4.08 -15.43
CA GLY HA 1 19.70 3.76 -14.03
C GLY HA 1 18.55 4.05 -13.08
N GLY HA 3 14.66 2.69 -10.43
CA GLY HA 3 14.23 1.51 -9.66
C GLY HA 3 13.98 2.08 -8.28
N GLY HA 4 13.12 1.41 -7.50
CA GLY HA 4 12.83 1.81 -6.12
C GLY HA 4 14.00 1.39 -5.25
N ASN HA 5 14.81 2.36 -4.81
CA ASN HA 5 16.06 2.02 -4.08
C ASN HA 5 15.54 2.01 -2.63
N ASP HA 6 15.05 0.86 -2.19
CA ASP HA 6 14.57 0.64 -0.80
C ASP HA 6 15.65 -0.26 -0.22
N ASN HA 7 16.65 0.35 0.43
CA ASN HA 7 17.85 -0.37 0.90
C ASN HA 7 18.28 0.32 2.19
N GLY HA 9 20.87 1.55 5.34
CA GLY HA 9 22.26 1.78 4.91
C GLY HA 9 23.13 0.57 5.15
N GLY IA 1 21.82 -4.19 13.32
CA GLY IA 1 22.32 -3.28 12.26
C GLY IA 1 22.77 -4.06 11.03
N GLY IA 3 25.40 -3.49 7.83
CA GLY IA 3 26.51 -2.50 7.84
C GLY IA 3 27.33 -2.63 6.58
N GLY IA 4 26.65 -2.67 5.43
CA GLY IA 4 27.32 -2.81 4.11
C GLY IA 4 27.79 -1.48 3.55
N ASN IA 5 28.45 -1.54 2.40
CA ASN IA 5 28.93 -0.37 1.61
C ASN IA 5 27.92 -0.47 0.45
N ASP IA 6 26.84 0.34 0.51
CA ASP IA 6 25.75 0.34 -0.51
C ASP IA 6 26.02 1.58 -1.34
N ASN IA 7 26.43 1.39 -2.61
CA ASN IA 7 26.93 2.51 -3.46
C ASN IA 7 26.26 2.51 -4.85
N GLY IA 9 22.08 3.57 -8.42
CA GLY IA 9 20.81 3.94 -9.08
C GLY IA 9 20.44 2.75 -9.94
N GLY JA 1 10.33 8.05 -31.62
CA GLY JA 1 9.97 9.46 -31.88
C GLY JA 1 9.82 9.73 -33.37
N GLY JA 3 10.03 11.41 -37.21
CA GLY JA 3 11.34 11.98 -37.55
C GLY JA 3 12.38 11.39 -36.60
N GLY JA 4 12.52 10.05 -36.61
CA GLY JA 4 13.48 9.35 -35.75
C GLY JA 4 14.87 9.89 -36.03
N ASN JA 5 15.55 10.35 -34.98
CA ASN JA 5 16.92 10.91 -35.03
C ASN JA 5 17.79 10.88 -33.78
N ASP JA 6 17.45 10.02 -32.82
CA ASP JA 6 18.18 10.00 -31.52
C ASP JA 6 19.22 8.88 -31.48
N ASN JA 7 20.46 9.26 -31.16
CA ASN JA 7 21.64 8.38 -30.99
C ASN JA 7 22.28 8.78 -29.65
N GLY JA 9 25.93 8.17 -26.16
CA GLY JA 9 27.35 7.81 -26.41
C GLY JA 9 28.20 8.23 -25.22
N GLY KA 1 -3.15 9.71 -26.84
CA GLY KA 1 -3.15 8.84 -28.03
C GLY KA 1 -1.79 8.84 -28.72
N GLY KA 3 2.23 9.82 -30.01
CA GLY KA 3 3.13 10.18 -28.89
C GLY KA 3 3.26 9.03 -27.91
N GLY KA 4 3.66 9.35 -26.68
CA GLY KA 4 3.90 8.31 -25.67
C GLY KA 4 3.74 8.92 -24.30
N ASN KA 5 3.07 8.21 -23.40
CA ASN KA 5 2.83 8.80 -22.06
C ASN KA 5 3.49 7.77 -21.12
N ASP KA 6 4.61 8.15 -20.51
CA ASP KA 6 5.37 7.24 -19.60
C ASP KA 6 5.48 7.88 -18.21
N ASN KA 7 5.19 7.02 -17.24
CA ASN KA 7 5.29 7.24 -15.79
C ASN KA 7 5.70 5.88 -15.21
N GLY KA 9 6.08 4.30 -11.97
CA GLY KA 9 5.00 4.05 -10.99
C GLY KA 9 3.73 3.54 -11.65
N GLY LA 1 9.68 5.81 -2.13
CA GLY LA 1 9.73 6.16 -3.56
C GLY LA 1 8.86 5.22 -4.40
N GLY LA 3 5.60 3.73 -8.23
CA GLY LA 3 4.38 3.18 -8.84
C GLY LA 3 3.10 2.81 -8.10
N GLY LA 4 2.10 3.68 -8.18
CA GLY LA 4 0.78 3.47 -7.56
C GLY LA 4 -0.16 2.85 -8.57
N ASN LA 5 -1.46 2.80 -8.23
CA ASN LA 5 -2.51 2.30 -9.14
C ASN LA 5 -2.66 3.36 -10.23
N ASP LA 6 -2.34 3.00 -11.47
CA ASP LA 6 -2.33 3.98 -12.59
C ASP LA 6 -2.73 3.24 -13.86
N ASN LA 7 -3.50 3.90 -14.73
CA ASN LA 7 -3.95 3.21 -15.98
C ASN LA 7 -4.18 4.38 -16.93
N GLY LA 9 -5.01 6.47 -21.93
CA GLY LA 9 -5.31 6.67 -23.36
C GLY LA 9 -4.24 7.52 -24.04
N GLY MA 1 -7.67 8.38 -26.15
CA GLY MA 1 -8.11 7.64 -24.96
C GLY MA 1 -9.13 8.43 -24.15
N GLY MA 3 -12.74 7.77 -23.21
CA GLY MA 3 -13.80 7.86 -24.24
C GLY MA 3 -13.38 8.86 -25.32
N GLY MA 4 -12.15 8.71 -25.82
CA GLY MA 4 -11.63 9.59 -26.88
C GLY MA 4 -11.70 8.93 -28.25
N ASN MA 5 -11.40 9.72 -29.28
CA ASN MA 5 -11.33 9.35 -30.72
C ASN MA 5 -10.28 10.34 -31.18
N ASP MA 6 -9.07 9.83 -31.47
CA ASP MA 6 -7.94 10.66 -31.97
C ASP MA 6 -7.69 10.34 -33.44
N ASN MA 7 -8.26 11.14 -34.35
CA ASN MA 7 -8.13 10.78 -35.78
C ASN MA 7 -7.97 12.03 -36.66
N GLY MA 9 -9.07 12.31 -40.26
CA GLY MA 9 -10.19 12.07 -41.20
C GLY MA 9 -10.93 13.32 -41.64
N GLY NA 1 -7.47 14.50 -44.68
CA GLY NA 1 -8.55 14.78 -45.65
C GLY NA 1 -8.31 16.04 -46.45
N GLY NA 3 -6.73 18.38 -49.19
CA GLY NA 3 -5.35 17.92 -49.39
C GLY NA 3 -4.75 17.13 -48.24
N GLY NA 4 -4.16 15.97 -48.54
CA GLY NA 4 -3.63 15.08 -47.47
C GLY NA 4 -2.18 15.53 -47.30
N ASN NA 5 -1.86 16.11 -46.15
CA ASN NA 5 -0.51 16.57 -45.73
C ASN NA 5 -0.68 16.72 -44.21
N ASP NA 6 -0.68 15.58 -43.51
CA ASP NA 6 -1.18 15.58 -42.11
C ASP NA 6 -0.41 14.42 -41.49
N ASN NA 7 0.84 14.68 -41.06
CA ASN NA 7 1.69 13.62 -40.46
C ASN NA 7 2.45 14.25 -39.29
N GLY NA 9 6.61 14.58 -37.45
CA GLY NA 9 7.69 14.59 -38.46
C GLY NA 9 7.28 14.31 -39.89
N GLY OA 1 -6.77 3.27 6.40
CA GLY OA 1 -6.38 2.63 5.13
C GLY OA 1 -7.34 2.91 3.99
N GLY OA 3 -7.51 4.67 1.09
CA GLY OA 3 -6.32 5.26 0.44
C GLY OA 3 -5.14 5.20 1.40
N GLY OA 4 -5.05 4.10 2.15
CA GLY OA 4 -4.02 3.86 3.18
C GLY OA 4 -2.53 4.12 2.96
N ASN OA 5 -1.96 4.97 3.84
CA ASN OA 5 -0.53 5.35 3.81
C ASN OA 5 0.13 5.35 5.20
N ASP OA 6 -0.48 4.71 6.20
CA ASP OA 6 0.10 4.59 7.57
C ASP OA 6 1.51 4.04 7.37
N ASN OA 7 2.52 4.88 7.60
CA ASN OA 7 3.94 4.51 7.34
C ASN OA 7 4.88 5.55 7.97
N GLY OA 9 8.43 7.15 7.23
CA GLY OA 9 8.69 7.03 5.78
C GLY OA 9 9.35 8.38 5.54
N GLY PA 1 7.06 8.03 19.49
CA GLY PA 1 8.18 7.10 19.29
C GLY PA 1 9.51 7.82 19.24
N GLY PA 3 13.15 7.00 19.51
CA GLY PA 3 13.64 6.57 20.82
C GLY PA 3 13.30 5.10 20.89
N GLY PA 4 12.50 4.73 21.91
CA GLY PA 4 11.99 3.37 22.14
C GLY PA 4 10.76 3.40 23.03
N ASN PA 5 10.15 2.23 23.26
CA ASN PA 5 8.98 2.04 24.17
C ASN PA 5 7.64 2.65 23.72
N ASP PA 6 7.12 2.24 22.55
CA ASP PA 6 5.82 2.78 22.07
C ASP PA 6 4.75 1.68 22.07
N ASN PA 7 3.46 2.09 22.15
CA ASN PA 7 2.31 1.16 22.15
C ASN PA 7 1.17 1.77 21.32
N GLY PA 9 -2.36 2.11 20.44
CA GLY PA 9 -2.77 1.29 21.60
C GLY PA 9 -4.07 0.73 21.06
N GLY QA 1 -4.32 0.80 10.37
CA GLY QA 1 -4.07 2.02 11.16
C GLY QA 1 -3.01 1.49 12.11
N GLY QA 3 -2.29 0.07 15.36
CA GLY QA 3 -3.59 -0.60 15.58
C GLY QA 3 -4.59 0.16 16.44
N GLY QA 4 -5.88 -0.15 16.26
CA GLY QA 4 -7.00 0.46 16.99
C GLY QA 4 -8.34 0.00 16.42
N ASN QA 5 -9.36 0.88 16.47
CA ASN QA 5 -10.73 0.65 15.94
C ASN QA 5 -11.34 -0.74 16.23
N ASP QA 6 -11.54 -1.07 17.51
CA ASP QA 6 -12.13 -2.38 17.88
C ASP QA 6 -13.50 -2.18 18.56
N ASN QA 7 -14.57 -2.79 18.01
CA ASN QA 7 -15.95 -2.56 18.52
C ASN QA 7 -16.72 -3.88 18.71
N GLY QA 9 -20.58 -5.17 17.17
CA GLY QA 9 -21.03 -4.48 15.96
C GLY QA 9 -19.87 -4.20 15.01
N GLY RA 1 -8.38 -1.87 22.05
CA GLY RA 1 -7.37 -1.64 23.10
C GLY RA 1 -7.99 -1.40 24.46
N GLY RA 3 -9.48 -2.92 28.87
CA GLY RA 3 -9.05 -3.88 29.90
C GLY RA 3 -8.87 -3.02 31.12
N GLY RA 4 -8.97 -3.63 32.31
CA GLY RA 4 -8.77 -2.93 33.59
C GLY RA 4 -7.27 -2.73 33.77
N ASN RA 5 -6.80 -1.49 33.61
CA ASN RA 5 -5.33 -1.24 33.63
C ASN RA 5 -5.12 -0.95 35.12
N ASP RA 6 -4.89 -2.01 35.90
CA ASP RA 6 -4.59 -1.92 37.36
C ASP RA 6 -3.11 -2.26 37.41
N ASN RA 7 -2.26 -1.24 37.36
CA ASN RA 7 -0.79 -1.43 37.25
C ASN RA 7 -0.15 -0.29 38.04
N GLY RA 9 2.83 2.49 39.23
CA GLY RA 9 3.69 2.96 38.12
C GLY RA 9 4.99 2.17 38.03
N GLY SA 1 9.29 -0.09 46.24
CA GLY SA 1 8.89 0.55 44.97
C GLY SA 1 9.03 -0.39 43.79
N GLY SA 3 9.56 -0.11 39.65
CA GLY SA 3 10.08 1.09 38.98
C GLY SA 3 10.24 0.83 37.49
N GLY SA 4 9.22 0.25 36.87
CA GLY SA 4 9.25 -0.08 35.43
C GLY SA 4 8.87 1.09 34.55
N ASN SA 5 8.93 0.87 33.23
CA ASN SA 5 8.52 1.84 32.18
C ASN SA 5 7.24 1.12 31.73
N ASP SA 6 6.08 1.58 32.22
CA ASP SA 6 4.76 0.97 31.92
C ASP SA 6 4.12 1.93 30.91
N ASN SA 7 3.98 1.49 29.66
CA ASN SA 7 3.59 2.39 28.53
C ASN SA 7 2.44 1.79 27.70
N GLY SA 9 -2.92 0.53 26.66
CA GLY SA 9 -4.38 0.32 26.71
C GLY SA 9 -4.59 -1.13 26.31
N GLY TA 1 -24.26 -5.58 12.41
CA GLY TA 1 -25.21 -4.47 12.20
C GLY TA 1 -26.09 -4.71 10.98
N GLY TA 3 -28.23 -4.28 7.39
CA GLY TA 3 -27.53 -3.50 6.35
C GLY TA 3 -26.05 -3.47 6.70
N GLY TA 4 -25.42 -4.65 6.79
CA GLY TA 4 -23.99 -4.77 7.13
C GLY TA 4 -23.19 -3.98 6.10
N ASN TA 5 -22.36 -3.06 6.59
CA ASN TA 5 -21.49 -2.18 5.77
C ASN TA 5 -20.22 -1.59 6.39
N ASP TA 6 -19.75 -2.19 7.50
CA ASP TA 6 -18.59 -1.62 8.23
C ASP TA 6 -17.29 -2.34 7.86
N ASN TA 7 -16.29 -1.55 7.46
CA ASN TA 7 -14.91 -1.99 7.11
C ASN TA 7 -13.98 -1.04 7.87
N GLY TA 9 -9.24 0.46 9.04
CA GLY TA 9 -8.07 0.44 8.15
C GLY TA 9 -7.02 1.41 8.66
N GLY UA 1 -33.80 -6.34 23.17
CA GLY UA 1 -33.99 -7.49 22.25
C GLY UA 1 -33.18 -7.32 20.98
N GLY UA 3 -30.85 -5.71 17.70
CA GLY UA 3 -29.77 -4.80 18.15
C GLY UA 3 -28.79 -5.52 19.05
N GLY UA 4 -28.05 -4.75 19.84
CA GLY UA 4 -27.03 -5.32 20.73
C GLY UA 4 -26.79 -4.40 21.89
N ASN UA 5 -26.67 -4.96 23.09
CA ASN UA 5 -26.51 -4.09 24.27
C ASN UA 5 -25.17 -4.56 24.86
N ASP UA 6 -24.14 -3.72 24.77
CA ASP UA 6 -22.78 -4.08 25.26
C ASP UA 6 -22.33 -3.04 26.30
N ASN UA 7 -21.82 -3.61 27.38
CA ASN UA 7 -21.19 -2.96 28.55
C ASN UA 7 -20.09 -3.91 29.00
N GLY UA 9 -17.76 -4.27 31.75
CA GLY UA 9 -18.11 -4.49 33.17
C GLY UA 9 -19.23 -5.51 33.31
N GLY VA 1 -11.15 1.05 38.08
CA GLY VA 1 -11.86 0.95 36.80
C GLY VA 1 -12.57 -0.39 36.64
N GLY VA 3 -16.31 -3.79 35.25
CA GLY VA 3 -17.36 -4.81 35.43
C GLY VA 3 -17.92 -5.28 36.75
N GLY VA 4 -19.12 -4.80 37.09
CA GLY VA 4 -19.83 -5.16 38.32
C GLY VA 4 -20.80 -6.29 38.03
N ASN VA 5 -21.69 -6.58 38.98
CA ASN VA 5 -22.75 -7.60 38.80
C ASN VA 5 -23.75 -7.01 37.82
N ASP VA 6 -23.89 -7.63 36.64
CA ASP VA 6 -24.75 -7.06 35.57
C ASP VA 6 -25.34 -8.23 34.79
N ASN VA 7 -26.59 -8.11 34.36
CA ASN VA 7 -27.24 -9.23 33.63
C ASN VA 7 -28.29 -8.51 32.78
N GLY VA 9 -31.94 -8.33 28.69
CA GLY VA 9 -32.88 -8.66 27.61
C GLY VA 9 -32.62 -7.80 26.37
N GLY WA 1 -36.67 -8.58 26.23
CA GLY WA 1 -36.23 -9.03 27.56
C GLY WA 1 -37.01 -8.34 28.68
N GLY WA 3 -39.28 -9.66 31.40
CA GLY WA 3 -40.62 -10.17 31.06
C GLY WA 3 -41.14 -9.48 29.81
N GLY WA 4 -40.30 -9.42 28.76
CA GLY WA 4 -40.69 -8.79 27.49
C GLY WA 4 -41.06 -9.82 26.44
N ASN WA 5 -41.57 -9.33 25.31
CA ASN WA 5 -42.00 -10.08 24.11
C ASN WA 5 -41.73 -9.03 23.04
N ASP WA 6 -40.68 -9.24 22.24
CA ASP WA 6 -40.29 -8.33 21.14
C ASP WA 6 -40.61 -9.00 19.81
N ASN WA 7 -41.76 -8.70 19.23
CA ASN WA 7 -42.15 -9.42 17.97
C ASN WA 7 -42.88 -8.51 17.00
N GLY WA 9 -45.45 -9.62 14.46
CA GLY WA 9 -46.66 -10.43 14.27
C GLY WA 9 -47.95 -9.63 14.11
N GLY XA 1 -46.91 -8.51 9.61
CA GLY XA 1 -48.31 -8.86 9.31
C GLY XA 1 -48.95 -7.87 8.34
N GLY XA 3 -49.76 -6.12 4.92
CA GLY XA 3 -48.55 -6.23 4.09
C GLY XA 3 -47.26 -6.44 4.86
N GLY XA 4 -46.45 -7.43 4.47
CA GLY XA 4 -45.22 -7.77 5.21
C GLY XA 4 -44.13 -6.91 4.56
N ASN XA 5 -43.60 -5.95 5.29
CA ASN XA 5 -42.49 -5.02 4.90
C ASN XA 5 -42.04 -4.49 6.25
N ASP XA 6 -41.29 -5.31 7.00
CA ASP XA 6 -41.10 -5.03 8.44
C ASP XA 6 -39.74 -5.68 8.72
N ASN XA 7 -38.65 -4.98 8.41
CA ASN XA 7 -37.28 -5.54 8.62
C ASN XA 7 -36.39 -4.40 9.15
N GLY XA 9 -32.34 -2.41 8.53
CA GLY XA 9 -31.91 -2.39 7.12
C GLY XA 9 -32.76 -3.20 6.15
N GLY YA 1 29.82 14.53 -24.38
CA GLY YA 1 30.64 13.96 -25.46
C GLY YA 1 30.55 14.73 -26.76
N GLY YA 3 32.43 16.77 -28.71
CA GLY YA 3 33.89 16.92 -28.54
C GLY YA 3 34.33 16.29 -27.23
N GLY YA 4 33.70 15.15 -26.89
CA GLY YA 4 33.91 14.39 -25.65
C GLY YA 4 35.28 14.07 -25.08
N ASN YA 5 35.51 14.51 -23.83
CA ASN YA 5 36.79 14.30 -23.09
C ASN YA 5 36.57 13.85 -21.63
N ASP YA 6 35.36 13.40 -21.26
CA ASP YA 6 35.08 12.88 -19.90
C ASP YA 6 36.16 11.86 -19.59
N ASN YA 7 37.08 12.20 -18.68
CA ASN YA 7 38.27 11.33 -18.39
C ASN YA 7 38.96 11.84 -17.12
N GLY YA 9 42.65 11.98 -15.63
CA GLY YA 9 43.58 11.96 -16.77
C GLY YA 9 44.61 12.95 -16.26
N GLY ZA 1 35.26 11.79 -5.71
CA GLY ZA 1 36.02 10.52 -5.66
C GLY ZA 1 37.31 10.66 -4.88
N GLY ZA 3 39.86 8.45 -3.28
CA GLY ZA 3 39.45 7.70 -2.09
C GLY ZA 3 38.73 6.49 -2.65
N GLY ZA 4 37.45 6.34 -2.26
CA GLY ZA 4 36.55 5.27 -2.71
C GLY ZA 4 35.09 5.67 -2.52
N ASN ZA 5 34.16 4.81 -2.95
CA ASN ZA 5 32.69 4.99 -2.78
C ASN ZA 5 32.03 6.13 -3.57
N ASP ZA 6 32.11 6.11 -4.90
CA ASP ZA 6 31.48 7.17 -5.73
C ASP ZA 6 30.31 6.60 -6.55
N ASN ZA 7 29.35 7.45 -6.93
CA ASN ZA 7 28.17 7.06 -7.75
C ASN ZA 7 27.86 8.17 -8.76
N GLY ZA 9 25.60 9.97 -10.98
CA GLY ZA 9 24.42 9.25 -10.44
C GLY ZA 9 23.51 9.32 -11.65
N GLY AB 1 29.01 10.82 -20.70
CA GLY AB 1 29.13 11.74 -19.55
C GLY AB 1 29.32 10.71 -18.44
N GLY AB 3 27.79 8.73 -15.83
CA GLY AB 3 26.45 8.60 -16.44
C GLY AB 3 25.40 9.59 -15.93
N GLY AB 4 24.38 9.83 -16.76
CA GLY AB 4 23.25 10.74 -16.47
C GLY AB 4 22.36 10.91 -17.68
N ASN AB 5 21.76 12.10 -17.83
CA ASN AB 5 20.87 12.51 -18.96
C ASN AB 5 19.85 11.45 -19.42
N ASP AB 6 18.92 11.07 -18.54
CA ASP AB 6 17.88 10.05 -18.89
C ASP AB 6 16.49 10.68 -18.88
N ASN AB 7 15.75 10.62 -20.02
CA ASN AB 7 14.44 11.31 -20.14
C ASN AB 7 13.35 10.39 -20.73
N GLY AB 9 10.72 10.92 -24.14
CA GLY AB 9 11.20 11.89 -25.16
C GLY AB 9 12.70 11.80 -25.35
N GLY BB 1 18.82 8.53 -13.56
CA GLY BB 1 19.15 8.20 -12.16
C GLY BB 1 17.98 8.50 -11.23
N GLY BB 3 14.04 7.15 -8.67
CA GLY BB 3 13.58 5.97 -7.91
C GLY BB 3 13.30 6.54 -6.54
N GLY BB 4 12.42 5.87 -5.78
CA GLY BB 4 12.10 6.26 -4.40
C GLY BB 4 13.26 5.84 -3.51
N ASN BB 5 14.06 6.80 -3.06
CA ASN BB 5 15.29 6.45 -2.30
C ASN BB 5 14.74 6.45 -0.86
N ASP BB 6 14.23 5.29 -0.42
CA ASP BB 6 13.72 5.07 0.95
C ASP BB 6 14.79 4.16 1.56
N ASN BB 7 15.77 4.77 2.22
CA ASN BB 7 16.96 4.03 2.72
C ASN BB 7 17.37 4.72 4.03
N GLY BB 9 19.89 5.93 7.22
CA GLY BB 9 21.30 6.15 6.82
C GLY BB 9 22.16 4.93 7.09
N GLY CB 1 20.64 0.16 15.21
CA GLY CB 1 21.17 1.06 14.16
C GLY CB 1 21.64 0.29 12.95
N GLY CB 3 24.35 0.86 9.79
CA GLY CB 3 25.46 1.83 9.84
C GLY CB 3 26.30 1.71 8.58
N GLY CB 4 25.64 1.68 7.42
CA GLY CB 4 26.34 1.54 6.13
C GLY CB 4 26.83 2.86 5.58
N ASN CB 5 27.52 2.81 4.43
CA ASN CB 5 28.01 3.97 3.66
C ASN CB 5 27.03 3.88 2.49
N ASP CB 6 25.96 4.70 2.53
CA ASP CB 6 24.89 4.71 1.49
C ASP CB 6 25.19 5.95 0.65
N ASN CB 7 25.61 5.76 -0.59
CA ASN CB 7 26.14 6.87 -1.44
C ASN CB 7 25.50 6.89 -2.83
N GLY CB 9 21.41 7.98 -6.51
CA GLY CB 9 20.16 8.36 -7.19
C GLY CB 9 19.80 7.17 -8.05
N GLY DB 1 10.19 12.60 -29.93
CA GLY DB 1 9.85 14.01 -30.19
C GLY DB 1 9.72 14.29 -31.68
N GLY DB 3 10.02 15.97 -35.52
CA GLY DB 3 11.35 16.53 -35.82
C GLY DB 3 12.36 15.93 -34.86
N GLY DB 4 12.49 14.61 -34.87
CA GLY DB 4 13.43 13.89 -33.98
C GLY DB 4 14.83 14.43 -34.24
N ASN DB 5 15.49 14.88 -33.17
CA ASN DB 5 16.87 15.44 -33.19
C ASN DB 5 17.71 15.40 -31.92
N ASP DB 6 17.34 14.54 -30.97
CA ASP DB 6 18.04 14.50 -29.66
C ASP DB 6 19.08 13.38 -29.60
N ASN DB 7 20.31 13.76 -29.25
CA ASN DB 7 21.48 12.86 -29.05
C ASN DB 7 22.09 13.25 -27.70
N GLY DB 9 25.67 12.62 -24.13
CA GLY DB 9 27.08 12.25 -24.35
C GLY DB 9 27.92 12.66 -23.15
N GLY EB 1 -3.38 14.31 -25.44
CA GLY EB 1 -3.36 13.45 -26.63
C GLY EB 1 -1.99 13.44 -27.29
N GLY EB 3 2.06 14.41 -28.49
CA GLY EB 3 2.94 14.75 -27.36
C GLY EB 3 3.04 13.61 -26.37
N GLY EB 4 3.42 13.92 -25.14
CA GLY EB 4 3.63 12.87 -24.12
C GLY EB 4 3.44 13.48 -22.75
N ASN EB 5 2.75 12.77 -21.87
CA ASN EB 5 2.49 13.36 -20.53
C ASN EB 5 3.12 12.33 -19.59
N ASP EB 6 4.23 12.69 -18.93
CA ASP EB 6 4.96 11.78 -18.02
C ASP EB 6 5.05 12.40 -16.63
N ASN EB 7 4.73 11.56 -15.67
CA ASN EB 7 4.80 11.76 -14.21
C ASN EB 7 5.19 10.40 -13.63
N GLY EB 9 5.49 8.81 -10.39
CA GLY EB 9 4.39 8.56 -9.43
C GLY EB 9 3.14 8.07 -10.12
N GLY FB 1 8.89 10.26 -0.47
CA GLY FB 1 8.97 10.62 -1.90
C GLY FB 1 8.12 9.69 -2.76
N GLY FB 3 4.93 8.23 -6.66
CA GLY FB 3 3.72 7.69 -7.29
C GLY FB 3 2.43 7.32 -6.59
N GLY FB 4 1.43 8.19 -6.68
CA GLY FB 4 0.10 7.99 -6.09
C GLY FB 4 -0.83 7.38 -7.12
N ASN FB 5 -2.12 7.34 -6.81
CA ASN FB 5 -3.17 6.85 -7.75
C ASN FB 5 -3.28 7.92 -8.84
N ASP FB 6 -2.94 7.55 -10.08
CA ASP FB 6 -2.90 8.54 -11.19
C ASP FB 6 -3.28 7.80 -12.47
N ASN FB 7 -4.03 8.46 -13.36
CA ASN FB 7 -4.45 7.79 -14.61
C ASN FB 7 -4.65 8.96 -15.57
N GLY FB 9 -5.38 11.08 -20.58
CA GLY FB 9 -5.63 11.27 -22.02
C GLY FB 9 -4.54 12.12 -22.67
N GLY GB 1 -7.92 13.01 -24.85
CA GLY GB 1 -8.40 12.27 -23.66
C GLY GB 1 -9.43 13.06 -22.88
N GLY GB 3 -13.06 12.41 -22.03
CA GLY GB 3 -14.10 12.52 -23.07
C GLY GB 3 -13.65 13.50 -24.13
N GLY GB 4 -12.41 13.36 -24.61
CA GLY GB 4 -11.87 14.25 -25.66
C GLY GB 4 -11.90 13.58 -27.02
N ASN GB 5 -11.58 14.37 -28.05
CA ASN GB 5 -11.49 14.01 -29.48
C ASN GB 5 -10.41 15.00 -29.93
N ASP GB 6 -9.21 14.49 -30.19
CA ASP GB 6 -8.05 15.30 -30.67
C ASP GB 6 -7.79 14.99 -32.12
N ASN GB 7 -8.33 15.79 -33.05
CA ASN GB 7 -8.16 15.44 -34.48
C ASN GB 7 -7.98 16.69 -35.35
N GLY GB 9 -9.00 16.99 -38.98
CA GLY GB 9 -10.10 16.76 -39.94
C GLY GB 9 -10.83 18.01 -40.39
N GLY HB 1 -7.30 19.19 -43.36
CA GLY HB 1 -8.36 19.47 -44.33
C GLY HB 1 -8.08 20.73 -45.13
N GLY HB 3 -6.44 23.07 -47.83
CA GLY HB 3 -5.05 22.61 -48.01
C GLY HB 3 -4.49 21.80 -46.85
N GLY HB 4 -3.90 20.65 -47.13
CA GLY HB 4 -3.40 19.75 -46.05
C GLY HB 4 -1.95 20.19 -45.85
N ASN HB 5 -1.64 20.77 -44.69
CA ASN HB 5 -0.30 21.22 -44.24
C ASN HB 5 -0.51 21.36 -42.73
N ASP HB 6 -0.53 20.22 -42.03
CA ASP HB 6 -1.06 20.22 -40.64
C ASP HB 6 -0.30 19.06 -40.00
N ASN HB 7 0.94 19.31 -39.55
CA ASN HB 7 1.78 18.23 -38.94
C ASN HB 7 2.51 18.85 -37.74
N GLY HB 9 6.63 19.16 -35.83
CA GLY HB 9 7.73 19.17 -36.80
C GLY HB 9 7.35 18.89 -38.25
#